data_1A3M
#
_entry.id   1A3M
#
_cell.length_a   1.000
_cell.length_b   1.000
_cell.length_c   1.000
_cell.angle_alpha   90.00
_cell.angle_beta   90.00
_cell.angle_gamma   90.00
#
_symmetry.space_group_name_H-M   'P 1'
#
loop_
_entity.id
_entity.type
_entity.pdbx_description
1 polymer "16S RRNA (5'-R(*GP*GP*CP*GP*UP*CP*AP*CP*AP*CP*CP*UP*UP*C)-3')"
2 polymer "16S RRNA (5'-R(*GP*GP*GP*UP*GP*AP*AP*GP*UP*CP*GP*CP*C)-3')"
#
loop_
_entity_poly.entity_id
_entity_poly.type
_entity_poly.pdbx_seq_one_letter_code
_entity_poly.pdbx_strand_id
1 'polyribonucleotide' GGCGUCACACCUUC A
2 'polyribonucleotide' GGGUGAAGUCGCC B
#
loop_
_chem_comp.id
_chem_comp.type
_chem_comp.name
_chem_comp.formula
A RNA linking ADENOSINE-5'-MONOPHOSPHATE 'C10 H14 N5 O7 P'
C RNA linking CYTIDINE-5'-MONOPHOSPHATE 'C9 H14 N3 O8 P'
G RNA linking GUANOSINE-5'-MONOPHOSPHATE 'C10 H14 N5 O8 P'
U RNA linking URIDINE-5'-MONOPHOSPHATE 'C9 H13 N2 O9 P'
#